data_3KRR
#
_entry.id   3KRR
#
_cell.length_a   93.312
_cell.length_b   103.009
_cell.length_c   68.739
_cell.angle_alpha   90.00
_cell.angle_beta   90.00
_cell.angle_gamma   90.00
#
_symmetry.space_group_name_H-M   'C 2 2 21'
#
loop_
_entity.id
_entity.type
_entity.pdbx_description
1 polymer 'Tyrosine-protein kinase JAK2'
2 non-polymer 8-[3,5-difluoro-4-(morpholin-4-ylmethyl)phenyl]-2-(1-piperidin-4-yl-1H-pyrazol-4-yl)quinoxaline
3 water water
#
_entity_poly.entity_id   1
_entity_poly.type   'polypeptide(L)'
_entity_poly.pdbx_seq_one_letter_code
;GSDPTQFEERHLKFLQQLGKGNFGSVEMCRYDPLQDNTGEVVAVKKLQHSTEEHLRDFEREIEILKSLQHDNIVKYKGVC
YSAGRRNLKLIMEYLPYGSLRDYLQKHKERIDHIKLLQYTSQICKGMEYLGTKRYIHRDLATRNILVENENRVKIGDFGL
TKVLPQDKE(PTR)(PTR)KVKEPGESPIFWYAPESLTESKFSVASDVWSFGVVLYELFTYIEKSKSPPAEFMRMIGNDK
QGQMIVFHLIELLKNNGRLPRPDGCPDEIYMIMTECWNNNVNQRPSFRDLALRVDQIRDNMAG
;
_entity_poly.pdbx_strand_id   A
#
loop_
_chem_comp.id
_chem_comp.type
_chem_comp.name
_chem_comp.formula
DQX non-polymer 8-[3,5-difluoro-4-(morpholin-4-ylmethyl)phenyl]-2-(1-piperidin-4-yl-1H-pyrazol-4-yl)quinoxaline 'C27 H28 F2 N6 O'
#
# COMPACT_ATOMS: atom_id res chain seq x y z
N SER A 2 -5.27 -19.03 26.28
CA SER A 2 -4.29 -18.44 27.24
C SER A 2 -3.47 -17.32 26.58
N ASP A 3 -2.86 -17.63 25.43
CA ASP A 3 -2.18 -16.61 24.61
C ASP A 3 -3.09 -16.25 23.42
N PRO A 4 -3.73 -15.06 23.47
CA PRO A 4 -4.70 -14.74 22.43
C PRO A 4 -4.11 -14.42 21.04
N THR A 5 -2.78 -14.40 20.91
CA THR A 5 -2.13 -14.24 19.60
C THR A 5 -1.87 -15.58 18.91
N GLN A 6 -2.18 -16.69 19.59
CA GLN A 6 -2.05 -18.00 18.99
C GLN A 6 -3.47 -18.49 18.64
N PHE A 7 -3.77 -18.52 17.34
CA PHE A 7 -5.09 -18.94 16.87
C PHE A 7 -5.03 -20.37 16.33
N GLU A 8 -6.02 -21.17 16.73
CA GLU A 8 -6.20 -22.54 16.26
C GLU A 8 -7.06 -22.52 15.01
N GLU A 9 -6.51 -22.99 13.89
CA GLU A 9 -7.17 -22.83 12.60
C GLU A 9 -8.49 -23.60 12.50
N ARG A 10 -8.64 -24.65 13.30
CA ARG A 10 -9.88 -25.43 13.28
C ARG A 10 -11.07 -24.62 13.83
N HIS A 11 -10.80 -23.56 14.58
CA HIS A 11 -11.86 -22.65 15.04
C HIS A 11 -12.12 -21.45 14.12
N LEU A 12 -11.33 -21.28 13.07
CA LEU A 12 -11.57 -20.21 12.09
C LEU A 12 -12.58 -20.66 11.07
N LYS A 13 -13.75 -20.03 11.08
CA LYS A 13 -14.80 -20.32 10.12
C LYS A 13 -14.78 -19.29 8.99
N PHE A 14 -14.61 -19.78 7.76
CA PHE A 14 -14.61 -18.93 6.57
C PHE A 14 -15.96 -18.24 6.40
N LEU A 15 -15.91 -16.92 6.20
CA LEU A 15 -17.12 -16.15 5.97
C LEU A 15 -17.16 -15.63 4.53
N GLN A 16 -16.09 -14.95 4.10
CA GLN A 16 -15.99 -14.55 2.70
C GLN A 16 -14.58 -14.19 2.29
N GLN A 17 -14.32 -14.28 0.99
CA GLN A 17 -13.04 -13.86 0.46
C GLN A 17 -13.01 -12.35 0.37
N LEU A 18 -11.87 -11.74 0.68
CA LEU A 18 -11.73 -10.29 0.65
C LEU A 18 -10.84 -9.81 -0.49
N GLY A 19 -9.88 -10.62 -0.90
CA GLY A 19 -9.04 -10.30 -2.04
C GLY A 19 -8.02 -11.38 -2.32
N LYS A 20 -7.44 -11.33 -3.52
CA LYS A 20 -6.43 -12.31 -3.94
C LYS A 20 -5.40 -11.57 -4.78
N GLY A 21 -4.12 -11.87 -4.57
CA GLY A 21 -3.05 -11.16 -5.26
C GLY A 21 -1.69 -11.29 -4.58
N ASN A 22 -0.63 -10.99 -5.32
CA ASN A 22 0.73 -11.09 -4.78
C ASN A 22 1.00 -12.46 -4.14
N PHE A 23 0.54 -13.53 -4.82
CA PHE A 23 0.64 -14.92 -4.34
C PHE A 23 0.00 -15.16 -2.97
N GLY A 24 -1.04 -14.38 -2.66
CA GLY A 24 -1.73 -14.49 -1.39
C GLY A 24 -3.21 -14.23 -1.50
N SER A 25 -3.91 -14.52 -0.41
CA SER A 25 -5.32 -14.29 -0.30
C SER A 25 -5.60 -13.74 1.09
N VAL A 26 -6.62 -12.89 1.19
CA VAL A 26 -7.13 -12.44 2.48
C VAL A 26 -8.60 -12.79 2.58
N GLU A 27 -8.98 -13.40 3.70
CA GLU A 27 -10.33 -13.86 3.97
C GLU A 27 -10.86 -13.21 5.21
N MET A 28 -12.19 -13.08 5.25
CA MET A 28 -12.91 -12.73 6.46
C MET A 28 -13.34 -14.04 7.13
N CYS A 29 -12.95 -14.22 8.39
CA CYS A 29 -13.28 -15.40 9.17
C CYS A 29 -13.83 -14.99 10.53
N ARG A 30 -14.62 -15.88 11.14
CA ARG A 30 -14.98 -15.73 12.53
C ARG A 30 -14.16 -16.74 13.34
N TYR A 31 -13.49 -16.25 14.37
CA TYR A 31 -12.77 -17.12 15.29
C TYR A 31 -13.76 -17.53 16.36
N ASP A 32 -14.23 -18.75 16.26
CA ASP A 32 -15.43 -19.15 16.96
C ASP A 32 -15.24 -20.49 17.69
N PRO A 33 -14.37 -20.50 18.71
CA PRO A 33 -14.13 -21.72 19.47
C PRO A 33 -15.36 -22.28 20.20
N LEU A 34 -16.29 -21.41 20.61
CA LEU A 34 -17.56 -21.86 21.22
C LEU A 34 -18.53 -22.46 20.21
N GLN A 35 -18.28 -22.27 18.93
CA GLN A 35 -19.09 -22.86 17.85
C GLN A 35 -20.56 -22.42 17.91
N ASP A 36 -20.79 -21.19 18.35
CA ASP A 36 -22.14 -20.63 18.45
C ASP A 36 -22.27 -19.32 17.67
N ASN A 37 -21.33 -19.10 16.74
CA ASN A 37 -21.32 -17.90 15.91
C ASN A 37 -21.27 -16.58 16.67
N THR A 38 -20.71 -16.58 17.88
CA THR A 38 -20.55 -15.36 18.66
C THR A 38 -19.11 -14.85 18.68
N GLY A 39 -18.17 -15.60 18.11
CA GLY A 39 -16.76 -15.23 18.15
C GLY A 39 -16.43 -13.98 17.36
N GLU A 40 -15.20 -13.51 17.53
CA GLU A 40 -14.70 -12.30 16.87
C GLU A 40 -14.43 -12.48 15.38
N VAL A 41 -14.85 -11.50 14.58
CA VAL A 41 -14.55 -11.49 13.15
C VAL A 41 -13.15 -10.89 12.94
N VAL A 42 -12.34 -11.59 12.16
CA VAL A 42 -10.93 -11.22 11.89
C VAL A 42 -10.64 -11.35 10.40
N ALA A 43 -9.57 -10.67 9.97
CA ALA A 43 -9.01 -10.82 8.64
C ALA A 43 -7.85 -11.82 8.71
N VAL A 44 -7.80 -12.73 7.75
CA VAL A 44 -6.78 -13.78 7.72
C VAL A 44 -6.07 -13.77 6.37
N LYS A 45 -4.76 -13.56 6.40
CA LYS A 45 -3.95 -13.63 5.20
C LYS A 45 -3.22 -14.96 5.13
N LYS A 46 -3.29 -15.62 3.98
CA LYS A 46 -2.60 -16.89 3.76
C LYS A 46 -1.97 -16.92 2.38
N LEU A 47 -1.09 -17.89 2.15
CA LEU A 47 -0.42 -18.07 0.86
C LEU A 47 -1.19 -19.03 -0.05
N GLN A 48 -1.20 -18.72 -1.34
CA GLN A 48 -1.80 -19.59 -2.35
C GLN A 48 -0.87 -20.78 -2.62
N HIS A 49 0.42 -20.46 -2.72
CA HIS A 49 1.47 -21.41 -2.99
C HIS A 49 2.54 -21.27 -1.90
N SER A 50 2.51 -22.19 -0.96
CA SER A 50 3.36 -22.10 0.24
C SER A 50 4.63 -22.93 0.04
N THR A 51 5.46 -22.47 -0.88
CA THR A 51 6.78 -23.05 -1.08
C THR A 51 7.68 -22.59 0.06
N GLU A 52 8.85 -23.19 0.19
CA GLU A 52 9.72 -22.79 1.30
C GLU A 52 10.17 -21.34 1.17
N GLU A 53 10.44 -20.90 -0.06
CA GLU A 53 10.83 -19.53 -0.36
C GLU A 53 9.72 -18.53 0.01
N HIS A 54 8.48 -18.86 -0.39
CA HIS A 54 7.34 -18.02 -0.02
C HIS A 54 7.08 -18.00 1.49
N LEU A 55 7.25 -19.14 2.17
CA LEU A 55 7.02 -19.20 3.62
C LEU A 55 8.05 -18.37 4.36
N ARG A 56 9.29 -18.37 3.88
CA ARG A 56 10.32 -17.57 4.51
C ARG A 56 10.01 -16.08 4.38
N ASP A 57 9.59 -15.66 3.19
CA ASP A 57 9.23 -14.27 2.97
C ASP A 57 8.00 -13.87 3.80
N PHE A 58 7.02 -14.75 3.88
CA PHE A 58 5.79 -14.47 4.63
C PHE A 58 6.09 -14.31 6.14
N GLU A 59 6.95 -15.16 6.69
CA GLU A 59 7.29 -15.01 8.11
C GLU A 59 8.00 -13.68 8.39
N ARG A 60 8.81 -13.19 7.45
CA ARG A 60 9.39 -11.82 7.60
C ARG A 60 8.32 -10.73 7.57
N GLU A 61 7.34 -10.89 6.67
CA GLU A 61 6.19 -9.98 6.58
C GLU A 61 5.44 -9.93 7.91
N ILE A 62 5.19 -11.11 8.49
CA ILE A 62 4.53 -11.19 9.79
C ILE A 62 5.32 -10.44 10.89
N GLU A 63 6.63 -10.63 10.90
CA GLU A 63 7.49 -9.93 11.87
C GLU A 63 7.48 -8.42 11.65
N ILE A 64 7.46 -8.00 10.39
CA ILE A 64 7.35 -6.57 10.08
C ILE A 64 6.07 -6.01 10.66
N LEU A 65 4.95 -6.65 10.37
CA LEU A 65 3.66 -6.11 10.83
C LEU A 65 3.55 -6.13 12.35
N LYS A 66 4.02 -7.22 12.98
CA LYS A 66 4.00 -7.32 14.43
C LYS A 66 4.79 -6.19 15.09
N SER A 67 5.86 -5.74 14.44
CA SER A 67 6.71 -4.67 14.96
C SER A 67 6.10 -3.26 14.85
N LEU A 68 5.00 -3.10 14.12
CA LEU A 68 4.42 -1.78 13.85
C LEU A 68 3.19 -1.54 14.73
N GLN A 69 3.19 -0.44 15.48
CA GLN A 69 2.04 -0.05 16.27
C GLN A 69 1.77 1.44 16.02
N HIS A 70 0.75 1.73 15.22
CA HIS A 70 0.44 3.11 14.83
C HIS A 70 -1.01 3.16 14.41
N ASP A 71 -1.64 4.30 14.67
CA ASP A 71 -3.05 4.52 14.37
C ASP A 71 -3.42 4.27 12.91
N ASN A 72 -2.47 4.48 11.98
CA ASN A 72 -2.72 4.33 10.55
C ASN A 72 -1.98 3.13 9.92
N ILE A 73 -1.75 2.10 10.72
CA ILE A 73 -1.25 0.80 10.25
C ILE A 73 -2.18 -0.29 10.81
N VAL A 74 -2.61 -1.21 9.95
CA VAL A 74 -3.55 -2.27 10.35
C VAL A 74 -2.96 -3.09 11.52
N LYS A 75 -3.81 -3.45 12.47
CA LYS A 75 -3.34 -4.15 13.69
C LYS A 75 -3.13 -5.65 13.50
N TYR A 76 -1.91 -6.10 13.82
CA TYR A 76 -1.60 -7.52 13.99
C TYR A 76 -2.34 -8.06 15.20
N LYS A 77 -2.98 -9.20 15.03
CA LYS A 77 -3.62 -9.89 16.16
C LYS A 77 -2.91 -11.18 16.51
N GLY A 78 -2.40 -11.92 15.53
CA GLY A 78 -1.76 -13.20 15.82
C GLY A 78 -1.42 -14.02 14.61
N VAL A 79 -1.11 -15.29 14.86
CA VAL A 79 -0.72 -16.22 13.80
C VAL A 79 -1.32 -17.63 13.98
N CYS A 80 -1.48 -18.35 12.88
CA CYS A 80 -1.76 -19.81 12.87
C CYS A 80 -0.56 -20.56 12.35
N TYR A 81 -0.26 -21.69 12.99
CA TYR A 81 0.77 -22.62 12.49
C TYR A 81 0.10 -23.97 12.17
N SER A 82 0.44 -24.57 11.03
CA SER A 82 -0.01 -25.96 10.73
C SER A 82 1.00 -26.97 11.26
N ALA A 83 0.52 -28.15 11.63
CA ALA A 83 1.37 -29.27 12.00
C ALA A 83 2.22 -29.72 10.80
N GLY A 84 3.42 -30.22 11.06
CA GLY A 84 4.28 -30.75 10.00
C GLY A 84 5.01 -29.70 9.19
N ARG A 85 4.49 -29.41 7.99
CA ARG A 85 5.15 -28.48 7.05
C ARG A 85 5.17 -27.02 7.52
N ARG A 86 4.41 -26.70 8.56
CA ARG A 86 4.45 -25.37 9.18
C ARG A 86 4.00 -24.27 8.21
N ASN A 87 2.78 -24.44 7.67
CA ASN A 87 2.13 -23.38 6.92
C ASN A 87 1.73 -22.30 7.90
N LEU A 88 1.63 -21.05 7.45
CA LEU A 88 1.40 -19.90 8.34
C LEU A 88 0.20 -19.08 7.88
N LYS A 89 -0.60 -18.62 8.84
CA LYS A 89 -1.66 -17.63 8.55
C LYS A 89 -1.51 -16.43 9.46
N LEU A 90 -1.66 -15.25 8.87
CA LEU A 90 -1.54 -13.98 9.58
C LEU A 90 -2.93 -13.49 9.93
N ILE A 91 -3.17 -13.28 11.22
CA ILE A 91 -4.47 -12.84 11.73
C ILE A 91 -4.39 -11.34 12.03
N MET A 92 -5.34 -10.58 11.48
CA MET A 92 -5.39 -9.12 11.63
C MET A 92 -6.77 -8.66 12.04
N GLU A 93 -6.87 -7.45 12.58
CA GLU A 93 -8.19 -6.82 12.76
C GLU A 93 -8.93 -6.74 11.43
N TYR A 94 -10.26 -6.91 11.48
CA TYR A 94 -11.10 -6.73 10.31
C TYR A 94 -11.59 -5.28 10.23
N LEU A 95 -11.27 -4.60 9.14
CA LEU A 95 -11.67 -3.20 8.93
C LEU A 95 -12.82 -3.18 7.92
N PRO A 96 -14.03 -2.92 8.42
CA PRO A 96 -15.24 -3.29 7.68
C PRO A 96 -15.57 -2.50 6.41
N TYR A 97 -15.02 -1.30 6.25
CA TYR A 97 -15.35 -0.50 5.04
C TYR A 97 -14.46 -0.86 3.84
N GLY A 98 -13.45 -1.73 4.05
CA GLY A 98 -12.67 -2.31 2.95
C GLY A 98 -11.57 -1.40 2.41
N SER A 99 -11.18 -1.64 1.17
CA SER A 99 -10.06 -0.91 0.57
C SER A 99 -10.50 0.52 0.27
N LEU A 100 -9.56 1.44 0.40
CA LEU A 100 -9.81 2.84 0.07
C LEU A 100 -10.15 2.96 -1.42
N ARG A 101 -9.53 2.12 -2.25
CA ARG A 101 -9.82 2.12 -3.70
C ARG A 101 -11.31 1.84 -3.96
N ASP A 102 -11.83 0.78 -3.34
CA ASP A 102 -13.25 0.42 -3.53
C ASP A 102 -14.19 1.45 -2.92
N TYR A 103 -13.85 1.89 -1.71
CA TYR A 103 -14.61 2.87 -0.97
C TYR A 103 -14.80 4.19 -1.74
N LEU A 104 -13.71 4.71 -2.30
CA LEU A 104 -13.75 5.96 -3.06
C LEU A 104 -14.50 5.76 -4.39
N GLN A 105 -14.29 4.62 -5.03
CA GLN A 105 -14.99 4.27 -6.26
C GLN A 105 -16.50 4.29 -6.04
N LYS A 106 -16.93 3.82 -4.87
CA LYS A 106 -18.34 3.72 -4.49
C LYS A 106 -18.97 5.02 -3.96
N HIS A 107 -18.23 5.78 -3.16
CA HIS A 107 -18.79 6.95 -2.45
C HIS A 107 -18.27 8.30 -2.93
N LYS A 108 -17.78 8.36 -4.17
CA LYS A 108 -17.14 9.59 -4.67
C LYS A 108 -18.03 10.83 -4.56
N GLU A 109 -19.34 10.62 -4.55
CA GLU A 109 -20.30 11.72 -4.45
C GLU A 109 -20.32 12.40 -3.07
N ARG A 110 -20.00 11.66 -2.02
CA ARG A 110 -20.03 12.22 -0.67
C ARG A 110 -18.66 12.50 -0.07
N ILE A 111 -17.59 12.26 -0.83
CA ILE A 111 -16.23 12.44 -0.29
C ILE A 111 -15.61 13.69 -0.88
N ASP A 112 -15.50 14.74 -0.06
CA ASP A 112 -15.05 16.03 -0.57
C ASP A 112 -13.53 16.16 -0.35
N HIS A 113 -12.94 17.25 -0.85
CA HIS A 113 -11.48 17.42 -0.81
C HIS A 113 -10.92 17.43 0.61
N ILE A 114 -11.63 18.08 1.54
CA ILE A 114 -11.23 18.07 2.94
C ILE A 114 -11.06 16.65 3.50
N LYS A 115 -12.00 15.76 3.17
CA LYS A 115 -11.94 14.37 3.59
C LYS A 115 -10.79 13.63 2.88
N LEU A 116 -10.60 13.90 1.59
CA LEU A 116 -9.44 13.30 0.88
C LEU A 116 -8.11 13.69 1.53
N LEU A 117 -8.00 14.94 1.97
CA LEU A 117 -6.77 15.41 2.63
C LEU A 117 -6.59 14.81 4.03
N GLN A 118 -7.69 14.52 4.73
CA GLN A 118 -7.59 13.81 5.99
C GLN A 118 -6.96 12.44 5.76
N TYR A 119 -7.45 11.73 4.75
CA TYR A 119 -6.90 10.43 4.40
C TYR A 119 -5.44 10.54 3.98
N THR A 120 -5.15 11.58 3.19
CA THR A 120 -3.78 11.83 2.72
C THR A 120 -2.82 12.01 3.89
N SER A 121 -3.23 12.84 4.85
CA SER A 121 -2.43 13.11 6.05
C SER A 121 -2.15 11.81 6.81
N GLN A 122 -3.21 11.01 6.99
CA GLN A 122 -3.10 9.73 7.69
C GLN A 122 -2.14 8.74 6.99
N ILE A 123 -2.23 8.68 5.67
CA ILE A 123 -1.32 7.85 4.87
C ILE A 123 0.14 8.33 5.05
N CYS A 124 0.35 9.65 4.98
CA CYS A 124 1.68 10.22 5.22
C CYS A 124 2.25 9.86 6.58
N LYS A 125 1.40 9.91 7.61
CA LYS A 125 1.81 9.61 8.98
C LYS A 125 2.17 8.13 9.17
N GLY A 126 1.37 7.24 8.61
CA GLY A 126 1.74 5.81 8.60
C GLY A 126 3.07 5.56 7.94
N MET A 127 3.32 6.22 6.81
CA MET A 127 4.56 6.02 6.05
C MET A 127 5.76 6.62 6.77
N GLU A 128 5.60 7.79 7.36
CA GLU A 128 6.66 8.40 8.16
C GLU A 128 7.09 7.47 9.29
N TYR A 129 6.10 6.89 9.96
CA TYR A 129 6.38 5.96 11.06
C TYR A 129 7.13 4.73 10.55
N LEU A 130 6.66 4.16 9.45
CA LEU A 130 7.33 3.02 8.81
C LEU A 130 8.79 3.33 8.51
N GLY A 131 9.05 4.54 8.03
CA GLY A 131 10.40 5.02 7.75
C GLY A 131 11.31 5.07 8.97
N THR A 132 10.74 5.32 10.15
CA THR A 132 11.55 5.35 11.39
C THR A 132 12.07 3.95 11.76
N LYS A 133 11.45 2.89 11.22
CA LYS A 133 11.92 1.52 11.43
C LYS A 133 12.83 1.05 10.30
N ARG A 134 13.09 1.94 9.34
CA ARG A 134 13.91 1.63 8.17
C ARG A 134 13.28 0.53 7.31
N TYR A 135 11.96 0.56 7.22
CA TYR A 135 11.21 -0.30 6.31
C TYR A 135 10.82 0.48 5.05
N ILE A 136 10.91 -0.19 3.91
CA ILE A 136 10.52 0.39 2.61
C ILE A 136 9.31 -0.42 2.11
N HIS A 137 8.18 0.26 1.96
CA HIS A 137 6.91 -0.40 1.65
C HIS A 137 6.86 -1.00 0.25
N ARG A 138 7.31 -0.23 -0.75
CA ARG A 138 7.41 -0.65 -2.15
C ARG A 138 6.10 -0.74 -2.94
N ASP A 139 4.97 -0.91 -2.25
CA ASP A 139 3.68 -1.20 -2.89
C ASP A 139 2.58 -0.23 -2.45
N LEU A 140 2.91 1.04 -2.23
CA LEU A 140 1.91 1.99 -1.74
C LEU A 140 0.91 2.28 -2.87
N ALA A 141 -0.37 1.97 -2.66
CA ALA A 141 -1.41 2.16 -3.69
C ALA A 141 -2.73 2.13 -2.95
N THR A 142 -3.79 2.73 -3.49
CA THR A 142 -5.07 2.78 -2.76
C THR A 142 -5.68 1.38 -2.53
N ARG A 143 -5.33 0.40 -3.37
CA ARG A 143 -5.84 -0.96 -3.18
C ARG A 143 -5.27 -1.64 -1.92
N ASN A 144 -4.17 -1.09 -1.38
CA ASN A 144 -3.53 -1.64 -0.18
C ASN A 144 -3.75 -0.78 1.06
N ILE A 145 -4.67 0.18 0.98
CA ILE A 145 -4.99 1.06 2.09
C ILE A 145 -6.42 0.74 2.45
N LEU A 146 -6.70 0.71 3.75
CA LEU A 146 -7.99 0.26 4.28
C LEU A 146 -8.73 1.39 4.97
N VAL A 147 -10.06 1.30 4.94
CA VAL A 147 -10.93 2.25 5.61
C VAL A 147 -11.55 1.58 6.85
N GLU A 148 -11.22 2.10 8.02
CA GLU A 148 -11.78 1.57 9.27
C GLU A 148 -13.14 2.16 9.51
N ASN A 149 -13.22 3.47 9.41
CA ASN A 149 -14.48 4.19 9.44
C ASN A 149 -14.33 5.45 8.60
N GLU A 150 -15.38 6.25 8.53
CA GLU A 150 -15.37 7.48 7.71
C GLU A 150 -14.23 8.47 8.04
N ASN A 151 -13.62 8.34 9.23
CA ASN A 151 -12.57 9.28 9.66
C ASN A 151 -11.16 8.71 9.83
N ARG A 152 -10.97 7.44 9.48
CA ARG A 152 -9.65 6.82 9.64
C ARG A 152 -9.34 5.77 8.57
N VAL A 153 -8.17 5.91 7.95
CA VAL A 153 -7.63 4.89 7.07
C VAL A 153 -6.31 4.35 7.63
N LYS A 154 -5.93 3.16 7.17
CA LYS A 154 -4.70 2.51 7.58
C LYS A 154 -4.04 1.80 6.41
N ILE A 155 -2.72 1.80 6.41
CA ILE A 155 -1.95 0.99 5.47
C ILE A 155 -2.20 -0.47 5.85
N GLY A 156 -2.60 -1.28 4.88
CA GLY A 156 -3.24 -2.57 5.14
C GLY A 156 -2.57 -3.84 4.63
N ASP A 157 -1.43 -3.70 3.95
CA ASP A 157 -0.68 -4.85 3.46
C ASP A 157 0.79 -4.51 3.41
N PHE A 158 1.64 -5.50 3.68
CA PHE A 158 3.10 -5.31 3.74
C PHE A 158 3.86 -6.39 2.97
N GLY A 159 3.18 -6.99 1.99
CA GLY A 159 3.72 -8.11 1.23
C GLY A 159 4.98 -7.84 0.45
N LEU A 160 5.22 -6.60 0.03
CA LEU A 160 6.48 -6.27 -0.68
C LEU A 160 7.48 -5.52 0.19
N THR A 161 7.16 -5.32 1.46
CA THR A 161 7.97 -4.49 2.34
C THR A 161 9.34 -5.11 2.64
N LYS A 162 10.37 -4.27 2.55
CA LYS A 162 11.75 -4.68 2.75
C LYS A 162 12.40 -3.87 3.88
N VAL A 163 13.42 -4.46 4.50
CA VAL A 163 14.15 -3.81 5.57
C VAL A 163 15.48 -3.35 4.98
N LEU A 164 15.79 -2.06 5.15
CA LEU A 164 17.04 -1.51 4.67
C LEU A 164 18.23 -2.21 5.34
N PRO A 165 19.32 -2.44 4.60
CA PRO A 165 20.56 -2.87 5.25
C PRO A 165 21.05 -1.80 6.24
N GLN A 166 21.77 -2.23 7.27
CA GLN A 166 22.34 -1.32 8.27
C GLN A 166 23.17 -0.19 7.66
N ASP A 167 23.88 -0.49 6.58
CA ASP A 167 24.86 0.43 6.00
C ASP A 167 24.39 1.22 4.76
N LYS A 168 23.15 1.04 4.33
CA LYS A 168 22.69 1.64 3.07
C LYS A 168 21.31 2.29 3.21
N GLU A 169 21.02 3.27 2.36
CA GLU A 169 19.72 3.92 2.38
C GLU A 169 18.78 3.44 1.27
N PTR A 170 19.16 2.34 0.62
CA PTR A 170 18.31 1.70 -0.38
C PTR A 170 18.42 0.18 -0.29
O PTR A 170 19.38 -0.35 0.27
CB PTR A 170 18.69 2.19 -1.78
CG PTR A 170 20.06 1.71 -2.22
CD1 PTR A 170 21.19 2.49 -2.00
CD2 PTR A 170 20.22 0.47 -2.83
CE1 PTR A 170 22.44 2.04 -2.38
CE2 PTR A 170 21.46 0.02 -3.23
CZ PTR A 170 22.57 0.81 -3.00
OH PTR A 170 23.67 0.37 -3.33
P PTR A 170 24.60 1.07 -4.45
O1P PTR A 170 25.59 0.05 -4.85
O2P PTR A 170 25.31 2.30 -3.86
O3P PTR A 170 23.76 1.51 -5.66
N PTR A 171 17.42 -0.51 -0.83
CA PTR A 171 17.43 -1.96 -0.94
C PTR A 171 17.29 -2.31 -2.42
O PTR A 171 16.40 -1.81 -3.09
CB PTR A 171 16.28 -2.53 -0.10
CG PTR A 171 16.21 -4.03 -0.08
CD1 PTR A 171 15.68 -4.73 -1.16
CD2 PTR A 171 16.69 -4.77 0.99
CE1 PTR A 171 15.62 -6.10 -1.16
CE2 PTR A 171 16.64 -6.15 1.01
CZ PTR A 171 16.10 -6.82 -0.09
OH PTR A 171 15.99 -8.05 -0.19
P PTR A 171 16.36 -9.18 0.90
O1P PTR A 171 15.65 -8.91 2.17
O2P PTR A 171 17.87 -9.12 1.14
O3P PTR A 171 15.95 -10.55 0.36
N LYS A 172 18.18 -3.17 -2.93
CA LYS A 172 18.14 -3.63 -4.31
C LYS A 172 17.49 -5.02 -4.40
N VAL A 173 16.39 -5.12 -5.15
CA VAL A 173 15.74 -6.41 -5.39
C VAL A 173 16.34 -7.05 -6.65
N LYS A 174 17.04 -8.18 -6.49
CA LYS A 174 17.84 -8.76 -7.58
C LYS A 174 17.02 -9.52 -8.64
N GLU A 175 15.97 -10.21 -8.19
CA GLU A 175 15.14 -11.02 -9.10
C GLU A 175 13.68 -10.79 -8.78
N PRO A 176 13.13 -9.66 -9.25
CA PRO A 176 11.76 -9.33 -8.86
C PRO A 176 10.73 -10.26 -9.48
N GLY A 177 9.66 -10.49 -8.74
CA GLY A 177 8.43 -11.05 -9.29
C GLY A 177 7.46 -9.89 -9.45
N GLU A 178 6.44 -9.87 -8.62
CA GLU A 178 5.44 -8.79 -8.60
C GLU A 178 6.09 -7.42 -8.62
N SER A 179 5.75 -6.63 -9.64
CA SER A 179 6.25 -5.26 -9.75
C SER A 179 5.12 -4.35 -10.24
N PRO A 180 4.54 -3.52 -9.35
CA PRO A 180 3.55 -2.53 -9.76
C PRO A 180 4.23 -1.33 -10.46
N ILE A 181 4.71 -1.58 -11.67
CA ILE A 181 5.56 -0.62 -12.38
C ILE A 181 5.00 0.79 -12.60
N PHE A 182 3.68 0.92 -12.66
CA PHE A 182 3.07 2.23 -12.87
C PHE A 182 3.03 3.13 -11.62
N TRP A 183 3.46 2.57 -10.48
CA TRP A 183 3.66 3.31 -9.22
C TRP A 183 5.15 3.47 -8.88
N TYR A 184 6.01 2.92 -9.72
CA TYR A 184 7.45 2.87 -9.46
C TYR A 184 8.23 4.13 -9.87
N ALA A 185 9.16 4.52 -8.99
CA ALA A 185 10.16 5.55 -9.27
C ALA A 185 11.06 5.10 -10.42
N PRO A 186 11.61 6.06 -11.19
CA PRO A 186 12.51 5.73 -12.29
C PRO A 186 13.69 4.83 -11.89
N GLU A 187 14.33 5.12 -10.76
CA GLU A 187 15.47 4.32 -10.30
C GLU A 187 15.07 2.89 -9.88
N SER A 188 13.81 2.69 -9.50
CA SER A 188 13.28 1.37 -9.24
C SER A 188 13.09 0.61 -10.55
N LEU A 189 12.64 1.29 -11.60
CA LEU A 189 12.50 0.67 -12.91
C LEU A 189 13.84 0.30 -13.54
N THR A 190 14.82 1.20 -13.43
CA THR A 190 16.10 1.03 -14.11
C THR A 190 17.07 0.14 -13.35
N GLU A 191 17.10 0.29 -12.02
CA GLU A 191 18.12 -0.39 -11.20
C GLU A 191 17.55 -1.29 -10.08
N SER A 192 16.23 -1.43 -10.01
CA SER A 192 15.55 -2.14 -8.91
C SER A 192 15.97 -1.69 -7.51
N LYS A 193 16.17 -0.38 -7.37
CA LYS A 193 16.57 0.25 -6.11
C LYS A 193 15.37 0.92 -5.43
N PHE A 194 15.13 0.56 -4.18
CA PHE A 194 13.99 1.05 -3.41
C PHE A 194 14.46 1.72 -2.14
N SER A 195 13.81 2.82 -1.79
CA SER A 195 14.23 3.66 -0.69
C SER A 195 13.03 4.41 -0.14
N VAL A 196 13.23 5.17 0.93
CA VAL A 196 12.18 6.07 1.42
C VAL A 196 11.76 7.00 0.27
N ALA A 197 12.73 7.49 -0.50
CA ALA A 197 12.42 8.39 -1.62
C ALA A 197 11.57 7.76 -2.73
N SER A 198 11.74 6.46 -3.01
CA SER A 198 10.87 5.79 -3.99
C SER A 198 9.47 5.57 -3.40
N ASP A 199 9.38 5.34 -2.09
CA ASP A 199 8.06 5.33 -1.42
C ASP A 199 7.37 6.68 -1.57
N VAL A 200 8.14 7.79 -1.46
CA VAL A 200 7.54 9.12 -1.64
C VAL A 200 7.02 9.30 -3.09
N TRP A 201 7.78 8.83 -4.07
CA TRP A 201 7.28 8.80 -5.47
C TRP A 201 5.93 8.07 -5.57
N SER A 202 5.85 6.88 -4.98
CA SER A 202 4.60 6.10 -5.00
C SER A 202 3.46 6.81 -4.28
N PHE A 203 3.78 7.50 -3.18
CA PHE A 203 2.80 8.29 -2.47
C PHE A 203 2.21 9.38 -3.38
N GLY A 204 3.04 9.98 -4.23
CA GLY A 204 2.52 10.91 -5.24
C GLY A 204 1.47 10.29 -6.16
N VAL A 205 1.69 9.04 -6.56
CA VAL A 205 0.72 8.29 -7.39
C VAL A 205 -0.58 8.02 -6.59
N VAL A 206 -0.46 7.67 -5.31
CA VAL A 206 -1.64 7.52 -4.45
C VAL A 206 -2.46 8.82 -4.41
N LEU A 207 -1.78 9.96 -4.27
CA LEU A 207 -2.46 11.24 -4.21
C LEU A 207 -3.21 11.52 -5.53
N TYR A 208 -2.58 11.18 -6.65
CA TYR A 208 -3.21 11.18 -7.97
C TYR A 208 -4.47 10.28 -7.97
N GLU A 209 -4.34 9.03 -7.50
CA GLU A 209 -5.47 8.10 -7.45
C GLU A 209 -6.66 8.73 -6.73
N LEU A 210 -6.38 9.32 -5.57
CA LEU A 210 -7.39 9.90 -4.71
C LEU A 210 -8.13 11.02 -5.44
N PHE A 211 -7.38 11.92 -6.06
CA PHE A 211 -8.00 13.09 -6.72
C PHE A 211 -8.61 12.82 -8.10
N THR A 212 -8.39 11.62 -8.65
CA THR A 212 -9.12 11.14 -9.82
C THR A 212 -10.38 10.36 -9.39
N TYR A 213 -10.56 10.19 -8.09
CA TYR A 213 -11.68 9.40 -7.55
C TYR A 213 -11.77 7.99 -8.16
N ILE A 214 -10.60 7.43 -8.51
CA ILE A 214 -10.48 6.08 -9.08
C ILE A 214 -11.24 5.93 -10.40
N GLU A 215 -11.27 6.98 -11.22
CA GLU A 215 -11.93 6.90 -12.51
C GLU A 215 -11.06 5.99 -13.37
N LYS A 216 -11.67 4.92 -13.87
CA LYS A 216 -10.93 3.83 -14.54
C LYS A 216 -10.12 4.30 -15.74
N SER A 217 -10.72 5.17 -16.55
CA SER A 217 -10.04 5.68 -17.75
C SER A 217 -8.86 6.60 -17.42
N LYS A 218 -8.74 7.01 -16.16
CA LYS A 218 -7.67 7.91 -15.71
C LYS A 218 -6.69 7.22 -14.76
N SER A 219 -6.78 5.88 -14.64
CA SER A 219 -5.89 5.14 -13.75
C SER A 219 -4.45 5.30 -14.23
N PRO A 220 -3.47 5.18 -13.32
CA PRO A 220 -2.07 5.26 -13.74
C PRO A 220 -1.69 4.27 -14.87
N PRO A 221 -2.15 3.00 -14.81
CA PRO A 221 -1.84 2.15 -15.96
C PRO A 221 -2.44 2.66 -17.27
N ALA A 222 -3.70 3.09 -17.26
CA ALA A 222 -4.35 3.58 -18.48
C ALA A 222 -3.62 4.81 -19.05
N GLU A 223 -3.25 5.75 -18.19
CA GLU A 223 -2.64 7.00 -18.63
C GLU A 223 -1.21 6.83 -19.12
N PHE A 224 -0.43 6.04 -18.39
CA PHE A 224 0.93 5.76 -18.84
C PHE A 224 0.95 4.94 -20.15
N MET A 225 0.05 3.97 -20.28
CA MET A 225 -0.04 3.20 -21.52
C MET A 225 -0.44 4.12 -22.69
N ARG A 226 -1.31 5.08 -22.43
CA ARG A 226 -1.65 6.08 -23.44
C ARG A 226 -0.42 6.88 -23.86
N MET A 227 0.33 7.38 -22.87
CA MET A 227 1.51 8.19 -23.16
C MET A 227 2.63 7.44 -23.88
N ILE A 228 2.87 6.16 -23.57
CA ILE A 228 3.89 5.41 -24.29
C ILE A 228 3.34 4.77 -25.56
N GLY A 229 2.03 4.63 -25.66
CA GLY A 229 1.38 4.00 -26.81
C GLY A 229 0.84 2.63 -26.43
N ASN A 230 -0.43 2.40 -26.70
CA ASN A 230 -1.09 1.12 -26.36
C ASN A 230 -0.56 -0.09 -27.15
N ASP A 231 0.24 0.16 -28.17
CA ASP A 231 0.91 -0.90 -28.91
C ASP A 231 2.10 -1.53 -28.17
N LYS A 232 2.60 -0.88 -27.11
CA LYS A 232 3.77 -1.41 -26.42
C LYS A 232 3.35 -2.59 -25.55
N GLN A 233 4.17 -3.65 -25.57
CA GLN A 233 3.84 -4.90 -24.87
C GLN A 233 5.03 -5.49 -24.09
N GLY A 234 4.72 -6.21 -23.02
CA GLY A 234 5.73 -6.88 -22.20
C GLY A 234 6.88 -5.96 -21.80
N GLN A 235 8.10 -6.46 -21.92
CA GLN A 235 9.30 -5.70 -21.51
C GLN A 235 9.46 -4.34 -22.21
N MET A 236 8.86 -4.17 -23.40
CA MET A 236 8.88 -2.87 -24.07
C MET A 236 8.09 -1.79 -23.33
N ILE A 237 7.09 -2.18 -22.54
CA ILE A 237 6.37 -1.21 -21.72
C ILE A 237 7.34 -0.56 -20.73
N VAL A 238 8.16 -1.37 -20.07
CA VAL A 238 9.13 -0.84 -19.11
C VAL A 238 10.18 0.06 -19.79
N PHE A 239 10.71 -0.37 -20.94
CA PHE A 239 11.67 0.43 -21.68
C PHE A 239 11.13 1.83 -22.00
N HIS A 240 9.92 1.88 -22.55
CA HIS A 240 9.32 3.15 -22.96
C HIS A 240 8.86 3.98 -21.77
N LEU A 241 8.42 3.32 -20.70
CA LEU A 241 8.06 4.04 -19.48
C LEU A 241 9.28 4.77 -18.89
N ILE A 242 10.43 4.09 -18.87
CA ILE A 242 11.70 4.67 -18.42
C ILE A 242 12.06 5.94 -19.24
N GLU A 243 11.99 5.83 -20.56
CA GLU A 243 12.29 6.96 -21.45
C GLU A 243 11.31 8.12 -21.28
N LEU A 244 10.02 7.80 -21.10
CA LEU A 244 9.00 8.79 -20.80
C LEU A 244 9.31 9.56 -19.51
N LEU A 245 9.57 8.84 -18.41
CA LEU A 245 9.84 9.50 -17.13
C LEU A 245 11.12 10.34 -17.15
N LYS A 246 12.15 9.87 -17.86
CA LYS A 246 13.41 10.60 -18.02
C LYS A 246 13.21 11.95 -18.72
N ASN A 247 12.22 12.01 -19.59
CA ASN A 247 11.88 13.24 -20.32
C ASN A 247 10.79 14.10 -19.68
N ASN A 248 10.53 13.83 -18.40
CA ASN A 248 9.52 14.50 -17.60
C ASN A 248 8.09 14.26 -18.06
N GLY A 249 7.87 13.15 -18.76
CA GLY A 249 6.51 12.69 -18.97
C GLY A 249 5.95 12.30 -17.62
N ARG A 250 4.72 12.71 -17.36
CA ARG A 250 4.07 12.49 -16.06
C ARG A 250 2.57 12.34 -16.23
N LEU A 251 1.93 11.74 -15.23
CA LEU A 251 0.49 11.78 -15.11
C LEU A 251 0.00 13.21 -15.14
N PRO A 252 -1.17 13.46 -15.76
CA PRO A 252 -1.74 14.80 -15.81
C PRO A 252 -2.36 15.24 -14.48
N ARG A 253 -2.62 16.54 -14.36
CA ARG A 253 -3.39 17.04 -13.23
C ARG A 253 -4.79 16.44 -13.27
N PRO A 254 -5.24 15.82 -12.16
CA PRO A 254 -6.63 15.35 -12.13
C PRO A 254 -7.64 16.49 -12.30
N ASP A 255 -8.71 16.24 -13.02
CA ASP A 255 -9.73 17.27 -13.25
C ASP A 255 -10.23 17.79 -11.92
N GLY A 256 -10.14 19.11 -11.73
CA GLY A 256 -10.67 19.76 -10.51
C GLY A 256 -9.76 19.70 -9.30
N CYS A 257 -8.52 19.26 -9.48
CA CYS A 257 -7.59 19.12 -8.38
C CYS A 257 -7.05 20.49 -7.97
N PRO A 258 -7.06 20.82 -6.66
CA PRO A 258 -6.49 22.10 -6.25
C PRO A 258 -5.00 22.21 -6.62
N ASP A 259 -4.58 23.41 -7.02
CA ASP A 259 -3.17 23.67 -7.38
C ASP A 259 -2.19 23.19 -6.32
N GLU A 260 -2.46 23.52 -5.07
CA GLU A 260 -1.57 23.19 -3.95
C GLU A 260 -1.31 21.68 -3.78
N ILE A 261 -2.32 20.88 -4.12
CA ILE A 261 -2.22 19.44 -4.05
C ILE A 261 -1.49 18.91 -5.27
N TYR A 262 -1.83 19.45 -6.43
CA TYR A 262 -1.13 19.06 -7.66
C TYR A 262 0.35 19.34 -7.54
N MET A 263 0.71 20.48 -6.95
CA MET A 263 2.11 20.83 -6.75
C MET A 263 2.82 19.78 -5.90
N ILE A 264 2.15 19.28 -4.87
CA ILE A 264 2.74 18.22 -4.03
C ILE A 264 2.99 16.95 -4.84
N MET A 265 2.01 16.54 -5.62
CA MET A 265 2.18 15.38 -6.52
C MET A 265 3.43 15.52 -7.34
N THR A 266 3.56 16.66 -8.03
CA THR A 266 4.65 16.85 -8.97
C THR A 266 6.02 16.89 -8.29
N GLU A 267 6.08 17.38 -7.06
CA GLU A 267 7.33 17.40 -6.28
C GLU A 267 7.77 15.97 -5.88
N CYS A 268 6.79 15.14 -5.53
CA CYS A 268 7.05 13.73 -5.26
C CYS A 268 7.62 13.02 -6.49
N TRP A 269 7.22 13.44 -7.68
CA TRP A 269 7.67 12.80 -8.92
C TRP A 269 8.90 13.48 -9.51
N ASN A 270 9.85 13.82 -8.67
CA ASN A 270 11.11 14.37 -9.13
C ASN A 270 12.05 13.24 -9.56
N ASN A 271 12.66 13.38 -10.73
CA ASN A 271 13.70 12.44 -11.14
C ASN A 271 14.89 12.42 -10.16
N ASN A 272 15.20 13.57 -9.57
CA ASN A 272 16.31 13.65 -8.62
C ASN A 272 15.84 13.14 -7.26
N VAL A 273 16.34 11.99 -6.84
CA VAL A 273 15.84 11.32 -5.64
C VAL A 273 15.95 12.22 -4.40
N ASN A 274 17.04 12.96 -4.31
CA ASN A 274 17.31 13.83 -3.15
C ASN A 274 16.39 15.02 -3.02
N GLN A 275 15.73 15.41 -4.11
CA GLN A 275 14.84 16.57 -4.13
C GLN A 275 13.39 16.25 -3.79
N ARG A 276 13.05 14.97 -3.67
CA ARG A 276 11.70 14.61 -3.27
C ARG A 276 11.47 15.02 -1.81
N PRO A 277 10.25 15.44 -1.48
CA PRO A 277 10.00 15.83 -0.10
C PRO A 277 10.07 14.65 0.88
N SER A 278 10.22 14.95 2.16
CA SER A 278 10.19 13.92 3.20
C SER A 278 8.74 13.71 3.66
N PHE A 279 8.44 12.53 4.21
CA PHE A 279 7.10 12.27 4.74
C PHE A 279 6.78 13.17 5.93
N ARG A 280 7.78 13.51 6.75
CA ARG A 280 7.56 14.45 7.85
CA ARG A 280 7.57 14.46 7.85
C ARG A 280 7.06 15.79 7.29
N ASP A 281 7.73 16.30 6.27
CA ASP A 281 7.33 17.57 5.67
C ASP A 281 6.01 17.52 4.90
N LEU A 282 5.75 16.40 4.22
CA LEU A 282 4.44 16.19 3.59
C LEU A 282 3.28 16.25 4.59
N ALA A 283 3.42 15.57 5.73
CA ALA A 283 2.38 15.61 6.77
C ALA A 283 2.14 17.04 7.28
N LEU A 284 3.22 17.78 7.49
CA LEU A 284 3.12 19.18 7.90
C LEU A 284 2.36 20.00 6.84
N ARG A 285 2.77 19.86 5.59
CA ARG A 285 2.20 20.65 4.50
C ARG A 285 0.73 20.35 4.28
N VAL A 286 0.40 19.06 4.28
CA VAL A 286 -0.98 18.63 4.09
C VAL A 286 -1.87 19.10 5.24
N ASP A 287 -1.38 19.03 6.48
CA ASP A 287 -2.15 19.50 7.62
C ASP A 287 -2.33 21.02 7.60
N GLN A 288 -1.34 21.77 7.09
CA GLN A 288 -1.48 23.22 6.91
C GLN A 288 -2.58 23.54 5.87
N ILE A 289 -2.59 22.80 4.76
CA ILE A 289 -3.62 22.97 3.72
C ILE A 289 -5.01 22.67 4.26
N ARG A 290 -5.14 21.59 5.03
CA ARG A 290 -6.39 21.24 5.69
C ARG A 290 -6.86 22.37 6.61
N ASP A 291 -5.93 22.96 7.35
CA ASP A 291 -6.22 24.06 8.26
C ASP A 291 -6.71 25.27 7.46
N ASN A 292 -5.99 25.60 6.38
CA ASN A 292 -6.37 26.71 5.51
C ASN A 292 -7.76 26.52 4.93
N MET A 293 -8.11 25.29 4.55
CA MET A 293 -9.44 24.99 4.02
C MET A 293 -10.49 24.97 5.11
N ALA A 294 -10.11 24.51 6.31
CA ALA A 294 -11.01 24.46 7.45
C ALA A 294 -10.99 25.81 8.17
F1 DQX B . -7.84 -8.07 -0.16
C2 DQX B . -7.15 -7.32 0.70
C3 DQX B . -6.05 -6.54 0.27
C4 DQX B . -5.34 -5.77 1.22
C5 DQX B . -5.74 -5.80 2.57
C7 DQX B . -6.82 -6.59 2.98
C8 DQX B . -7.54 -7.34 2.04
C10 DQX B . -7.16 -6.53 4.43
C11 DQX B . -8.47 -6.30 4.91
N12 DQX B . -9.52 -6.15 4.05
C13 DQX B . -10.77 -5.93 4.54
C14 DQX B . -10.96 -5.86 5.92
N16 DQX B . -9.92 -6.00 6.77
C17 DQX B . -8.68 -6.23 6.29
C18 DQX B . -7.63 -6.38 7.21
C20 DQX B . -6.32 -6.60 6.73
C22 DQX B . -6.09 -6.69 5.35
C24 DQX B . -11.92 -5.79 3.56
C25 DQX B . -13.26 -5.67 3.78
N27 DQX B . -13.83 -5.57 2.60
N28 DQX B . -12.90 -5.65 1.62
C29 DQX B . -11.73 -5.78 2.11
C31 DQX B . -15.24 -5.45 2.23
C33 DQX B . -15.97 -6.82 2.45
C36 DQX B . -17.47 -6.73 2.07
N39 DQX B . -18.06 -5.59 2.80
C41 DQX B . -17.49 -4.26 2.45
C44 DQX B . -15.98 -4.23 2.86
F47 DQX B . -4.31 -5.00 0.87
C48 DQX B . -5.61 -6.53 -1.20
N51 DQX B . -4.58 -7.61 -1.43
C52 DQX B . -5.12 -9.01 -1.37
C55 DQX B . -4.04 -10.09 -1.63
O58 DQX B . -2.89 -9.85 -0.79
C59 DQX B . -2.27 -8.59 -1.10
C62 DQX B . -3.26 -7.44 -0.74
#